data_8E4A
#
_entry.id   8E4A
#
_cell.length_a   35.970
_cell.length_b   66.450
_cell.length_c   63.840
_cell.angle_alpha   90.000
_cell.angle_beta   90.676
_cell.angle_gamma   90.000
#
_symmetry.space_group_name_H-M   'P 1 21 1'
#
loop_
_entity.id
_entity.type
_entity.pdbx_description
1 polymer 'UDP-3-O-acyl-N-acetylglucosamine deacetylase'
2 non-polymer 'ZINC ION'
3 non-polymer 4-(4-cyclopropylbuta-1,3-diyn-1-yl)-N-[(2S,3S)-4,4-difluoro-3-hydroxy-1-(hydroxyamino)-3-methyl-1-oxobutan-2-yl]benzamide
4 water water
#
_entity_poly.entity_id   1
_entity_poly.type   'polypeptide(L)'
_entity_poly.pdbx_seq_one_letter_code
;MIKQRTLKNIIRATGVGLHSGEKVYLTLKPAPVDTGIVFSRTDLDPVVEIPARAENVGETTMSTTLVKGDVKVDTVEHLL
SAMAGLGIDNAYVELSASEVPIMDGSAGPFVFLIQSAGLQEQEAAKKFIRIKREVSVEEGDKRAVFVPFDGFKVSFEIDF
DHPVFRGRTQQASVDFSSTSFVKEVSRARTFGFMRDIEYLRSQNLALGGSVENAIVVDENRVLNEDGLRYEDEFVKHKIL
DAIGDLYLLGNSLIGEFRGFKSGHALNNQLLRTLIADKDAWEVVTFEDARTAPISYMRP
;
_entity_poly.pdbx_strand_id   A
#
# COMPACT_ATOMS: atom_id res chain seq x y z
N MET A 1 8.69 25.29 1.66
CA MET A 1 7.34 24.80 1.37
C MET A 1 7.39 23.39 0.83
N ILE A 2 6.61 22.48 1.41
CA ILE A 2 6.47 21.13 0.90
C ILE A 2 5.29 21.14 -0.07
N LYS A 3 5.60 20.96 -1.35
CA LYS A 3 4.61 21.07 -2.41
C LYS A 3 4.00 19.71 -2.72
N GLN A 4 2.79 19.75 -3.29
CA GLN A 4 2.18 18.53 -3.83
C GLN A 4 3.00 18.02 -5.01
N ARG A 5 2.91 16.72 -5.25
CA ARG A 5 3.65 16.09 -6.34
C ARG A 5 2.71 15.28 -7.21
N THR A 6 2.95 15.33 -8.52
CA THR A 6 2.32 14.42 -9.47
C THR A 6 3.41 13.76 -10.30
N LEU A 7 3.02 13.02 -11.34
CA LEU A 7 3.99 12.39 -12.21
C LEU A 7 4.46 13.37 -13.28
N LYS A 8 5.75 13.28 -13.62
CA LYS A 8 6.27 14.10 -14.70
C LYS A 8 5.89 13.52 -16.07
N ASN A 9 5.91 12.20 -16.19
CA ASN A 9 5.54 11.53 -17.43
C ASN A 9 4.64 10.35 -17.10
N ILE A 10 3.95 9.86 -18.13
CA ILE A 10 3.07 8.71 -17.95
C ILE A 10 3.90 7.44 -17.77
N ILE A 11 3.36 6.51 -17.00
CA ILE A 11 3.95 5.19 -16.79
C ILE A 11 3.03 4.15 -17.41
N ARG A 12 3.61 3.24 -18.19
CA ARG A 12 2.86 2.14 -18.77
C ARG A 12 3.48 0.82 -18.34
N ALA A 13 2.61 -0.14 -18.02
CA ALA A 13 3.08 -1.46 -17.59
C ALA A 13 1.99 -2.48 -17.86
N THR A 14 2.41 -3.72 -18.13
CA THR A 14 1.50 -4.83 -18.28
C THR A 14 1.89 -5.93 -17.30
N GLY A 15 0.90 -6.67 -16.84
CA GLY A 15 1.15 -7.74 -15.91
C GLY A 15 -0.03 -8.67 -15.80
N VAL A 16 -0.09 -9.38 -14.67
N VAL A 16 -0.10 -9.36 -14.66
CA VAL A 16 -1.18 -10.30 -14.40
CA VAL A 16 -1.16 -10.33 -14.39
C VAL A 16 -1.70 -10.03 -12.99
C VAL A 16 -1.70 -10.07 -12.99
N GLY A 17 -3.01 -10.24 -12.82
CA GLY A 17 -3.59 -10.10 -11.50
C GLY A 17 -3.22 -11.29 -10.63
N LEU A 18 -2.86 -10.99 -9.37
CA LEU A 18 -2.44 -12.04 -8.46
C LEU A 18 -3.56 -13.06 -8.24
N HIS A 19 -4.80 -12.58 -8.10
CA HIS A 19 -5.93 -13.44 -7.79
C HIS A 19 -6.79 -13.78 -9.00
N SER A 20 -6.97 -12.84 -9.92
CA SER A 20 -7.78 -13.11 -11.10
C SER A 20 -7.00 -13.85 -12.19
N GLY A 21 -5.67 -13.73 -12.19
CA GLY A 21 -4.89 -14.30 -13.27
C GLY A 21 -5.10 -13.65 -14.61
N GLU A 22 -5.74 -12.49 -14.65
CA GLU A 22 -6.06 -11.80 -15.89
C GLU A 22 -4.90 -10.89 -16.30
N LYS A 23 -4.61 -10.86 -17.59
CA LYS A 23 -3.67 -9.88 -18.13
C LYS A 23 -4.27 -8.49 -18.05
N VAL A 24 -3.50 -7.53 -17.55
CA VAL A 24 -4.00 -6.18 -17.29
C VAL A 24 -2.98 -5.17 -17.77
N TYR A 25 -3.45 -4.13 -18.44
CA TYR A 25 -2.62 -3.01 -18.88
C TYR A 25 -2.82 -1.85 -17.91
N LEU A 26 -1.71 -1.30 -17.43
CA LEU A 26 -1.71 -0.28 -16.40
C LEU A 26 -1.09 1.01 -16.93
N THR A 27 -1.73 2.14 -16.67
CA THR A 27 -1.22 3.45 -17.08
C THR A 27 -1.39 4.44 -15.95
N LEU A 28 -0.28 5.02 -15.51
CA LEU A 28 -0.28 6.09 -14.52
C LEU A 28 -0.14 7.43 -15.25
N LYS A 29 -0.97 8.40 -14.85
CA LYS A 29 -1.01 9.69 -15.53
C LYS A 29 -0.94 10.82 -14.52
N PRO A 30 -0.40 11.97 -14.92
CA PRO A 30 -0.43 13.15 -14.04
C PRO A 30 -1.86 13.61 -13.79
N ALA A 31 -2.03 14.33 -12.67
CA ALA A 31 -3.34 14.79 -12.25
C ALA A 31 -3.20 16.17 -11.62
N PRO A 32 -4.23 16.99 -11.67
CA PRO A 32 -4.14 18.35 -11.10
C PRO A 32 -4.02 18.32 -9.59
N VAL A 33 -3.76 19.51 -9.04
CA VAL A 33 -3.65 19.68 -7.59
C VAL A 33 -4.95 19.26 -6.92
N ASP A 34 -4.82 18.60 -5.76
CA ASP A 34 -5.94 18.17 -4.93
C ASP A 34 -6.82 17.11 -5.60
N THR A 35 -6.27 16.38 -6.57
CA THR A 35 -7.02 15.29 -7.19
C THR A 35 -6.97 14.03 -6.35
N GLY A 36 -5.82 13.77 -5.73
CA GLY A 36 -5.61 12.51 -5.06
C GLY A 36 -5.29 11.41 -6.07
N ILE A 37 -5.26 10.18 -5.56
CA ILE A 37 -5.09 9.01 -6.41
C ILE A 37 -6.47 8.51 -6.81
N VAL A 38 -6.71 8.40 -8.11
CA VAL A 38 -8.01 8.00 -8.64
C VAL A 38 -7.81 6.83 -9.59
N PHE A 39 -8.38 5.68 -9.25
CA PHE A 39 -8.36 4.53 -10.14
C PHE A 39 -9.49 4.65 -11.16
N SER A 40 -9.24 4.09 -12.35
N SER A 40 -9.27 4.04 -12.32
CA SER A 40 -10.23 4.18 -13.42
CA SER A 40 -10.18 4.20 -13.45
C SER A 40 -10.19 2.92 -14.26
C SER A 40 -10.19 2.93 -14.29
N ARG A 41 -11.35 2.28 -14.39
CA ARG A 41 -11.49 1.07 -15.20
C ARG A 41 -11.81 1.47 -16.63
N THR A 42 -10.77 1.56 -17.46
CA THR A 42 -10.94 2.02 -18.84
C THR A 42 -11.44 0.93 -19.78
N ASP A 43 -11.59 -0.31 -19.30
CA ASP A 43 -12.18 -1.36 -20.14
C ASP A 43 -13.70 -1.25 -20.21
N LEU A 44 -14.32 -0.40 -19.40
CA LEU A 44 -15.76 -0.25 -19.35
C LEU A 44 -16.19 1.01 -20.11
N ASP A 45 -17.42 0.98 -20.61
CA ASP A 45 -18.00 2.11 -21.33
C ASP A 45 -19.38 2.39 -20.76
N PRO A 46 -19.56 3.51 -20.03
CA PRO A 46 -18.54 4.53 -19.76
C PRO A 46 -17.51 4.10 -18.73
N VAL A 47 -16.37 4.80 -18.72
CA VAL A 47 -15.29 4.46 -17.81
C VAL A 47 -15.71 4.78 -16.37
N VAL A 48 -15.34 3.90 -15.44
CA VAL A 48 -15.72 4.02 -14.04
C VAL A 48 -14.48 4.43 -13.25
N GLU A 49 -14.57 5.54 -12.53
CA GLU A 49 -13.46 6.07 -11.75
C GLU A 49 -13.75 5.91 -10.27
N ILE A 50 -12.78 5.38 -9.53
CA ILE A 50 -12.92 5.16 -8.09
C ILE A 50 -11.77 5.86 -7.36
N PRO A 51 -12.03 6.94 -6.62
CA PRO A 51 -10.98 7.56 -5.82
C PRO A 51 -10.44 6.58 -4.79
N ALA A 52 -9.12 6.56 -4.64
CA ALA A 52 -8.45 5.67 -3.68
C ALA A 52 -8.61 6.26 -2.29
N ARG A 53 -9.81 6.12 -1.75
CA ARG A 53 -10.15 6.65 -0.43
C ARG A 53 -10.81 5.56 0.41
N ALA A 54 -10.73 5.73 1.73
CA ALA A 54 -11.21 4.70 2.64
C ALA A 54 -12.71 4.45 2.49
N GLU A 55 -13.47 5.47 2.10
CA GLU A 55 -14.91 5.32 1.95
C GLU A 55 -15.29 4.37 0.82
N ASN A 56 -14.38 4.12 -0.12
CA ASN A 56 -14.66 3.27 -1.27
C ASN A 56 -14.10 1.86 -1.12
N VAL A 57 -13.55 1.52 0.04
CA VAL A 57 -13.01 0.19 0.26
C VAL A 57 -14.14 -0.82 0.37
N GLY A 58 -14.08 -1.88 -0.44
CA GLY A 58 -15.07 -2.94 -0.37
C GLY A 58 -14.60 -4.12 0.45
N GLU A 59 -14.50 -5.28 -0.19
CA GLU A 59 -14.04 -6.48 0.48
C GLU A 59 -12.54 -6.41 0.76
N THR A 60 -12.09 -7.11 1.81
CA THR A 60 -10.71 -7.04 2.25
C THR A 60 -10.13 -8.40 2.63
N THR A 61 -10.76 -9.50 2.22
CA THR A 61 -10.35 -10.81 2.72
C THR A 61 -8.92 -11.15 2.28
N MET A 62 -8.60 -10.93 1.01
CA MET A 62 -7.26 -11.22 0.49
C MET A 62 -6.39 -9.96 0.40
N SER A 63 -6.82 -9.00 -0.41
N SER A 63 -6.81 -9.00 -0.40
CA SER A 63 -6.12 -7.73 -0.55
CA SER A 63 -6.12 -7.72 -0.54
C SER A 63 -7.14 -6.60 -0.44
C SER A 63 -7.15 -6.60 -0.46
N THR A 64 -6.65 -5.36 -0.47
CA THR A 64 -7.51 -4.19 -0.40
C THR A 64 -8.21 -3.98 -1.73
N THR A 65 -9.53 -3.83 -1.70
CA THR A 65 -10.35 -3.70 -2.90
C THR A 65 -11.19 -2.43 -2.81
N LEU A 66 -11.17 -1.64 -3.88
CA LEU A 66 -12.06 -0.50 -4.03
C LEU A 66 -13.26 -0.91 -4.88
N VAL A 67 -14.44 -0.42 -4.50
N VAL A 67 -14.45 -0.41 -4.52
CA VAL A 67 -15.68 -0.76 -5.19
CA VAL A 67 -15.70 -0.80 -5.16
C VAL A 67 -16.47 0.51 -5.45
C VAL A 67 -16.54 0.46 -5.40
N LYS A 68 -17.26 0.46 -6.52
CA LYS A 68 -18.21 1.53 -6.84
C LYS A 68 -19.38 0.84 -7.54
N GLY A 69 -20.46 0.59 -6.80
CA GLY A 69 -21.55 -0.20 -7.35
C GLY A 69 -21.11 -1.64 -7.54
N ASP A 70 -21.27 -2.15 -8.76
CA ASP A 70 -20.85 -3.50 -9.10
C ASP A 70 -19.44 -3.56 -9.67
N VAL A 71 -18.75 -2.43 -9.75
CA VAL A 71 -17.40 -2.36 -10.31
C VAL A 71 -16.39 -2.39 -9.18
N LYS A 72 -15.30 -3.11 -9.36
CA LYS A 72 -14.27 -3.24 -8.34
C LYS A 72 -12.89 -3.04 -8.95
N VAL A 73 -11.95 -2.62 -8.09
CA VAL A 73 -10.53 -2.56 -8.42
C VAL A 73 -9.80 -3.31 -7.31
N ASP A 74 -9.18 -4.43 -7.66
CA ASP A 74 -8.61 -5.34 -6.67
C ASP A 74 -7.11 -5.09 -6.48
N THR A 75 -6.65 -5.36 -5.26
CA THR A 75 -5.22 -5.40 -4.92
C THR A 75 -4.55 -4.06 -5.23
N VAL A 76 -4.95 -3.03 -4.47
CA VAL A 76 -4.45 -1.68 -4.68
C VAL A 76 -3.32 -1.30 -3.73
N GLU A 77 -3.04 -2.11 -2.70
CA GLU A 77 -2.17 -1.64 -1.62
C GLU A 77 -0.70 -1.54 -2.05
N HIS A 78 -0.25 -2.38 -2.98
CA HIS A 78 1.16 -2.34 -3.38
C HIS A 78 1.46 -1.09 -4.20
N LEU A 79 0.57 -0.74 -5.13
CA LEU A 79 0.76 0.50 -5.90
C LEU A 79 0.59 1.72 -5.00
N LEU A 80 -0.39 1.69 -4.10
CA LEU A 80 -0.60 2.82 -3.19
C LEU A 80 0.58 2.98 -2.24
N SER A 81 1.21 1.89 -1.84
CA SER A 81 2.41 1.99 -1.01
CA SER A 81 2.41 1.99 -1.01
C SER A 81 3.53 2.70 -1.76
N ALA A 82 3.67 2.41 -3.06
CA ALA A 82 4.65 3.12 -3.87
C ALA A 82 4.27 4.59 -4.00
N MET A 83 2.97 4.87 -4.11
CA MET A 83 2.50 6.25 -4.20
C MET A 83 2.87 7.01 -2.93
N ALA A 84 2.61 6.41 -1.77
CA ALA A 84 2.86 7.07 -0.49
C ALA A 84 4.36 7.27 -0.25
N GLY A 85 5.14 6.21 -0.44
CA GLY A 85 6.56 6.29 -0.15
C GLY A 85 7.29 7.30 -1.02
N LEU A 86 6.77 7.55 -2.22
CA LEU A 86 7.39 8.49 -3.15
C LEU A 86 6.82 9.90 -3.02
N GLY A 87 5.82 10.09 -2.17
CA GLY A 87 5.22 11.40 -1.98
C GLY A 87 4.29 11.84 -3.09
N ILE A 88 3.67 10.91 -3.82
N ILE A 88 3.70 10.89 -3.82
CA ILE A 88 2.82 11.28 -4.94
CA ILE A 88 2.78 11.24 -4.90
C ILE A 88 1.42 11.61 -4.42
C ILE A 88 1.45 11.66 -4.29
N ASP A 89 0.98 12.85 -4.63
CA ASP A 89 -0.31 13.32 -4.16
C ASP A 89 -1.43 13.05 -5.15
N ASN A 90 -1.19 13.34 -6.44
CA ASN A 90 -2.24 13.30 -7.44
C ASN A 90 -1.78 12.46 -8.63
N ALA A 91 -2.64 11.55 -9.07
CA ALA A 91 -2.36 10.70 -10.22
C ALA A 91 -3.63 9.96 -10.62
N TYR A 92 -3.75 9.67 -11.91
CA TYR A 92 -4.78 8.77 -12.42
C TYR A 92 -4.18 7.40 -12.69
N VAL A 93 -4.89 6.36 -12.28
CA VAL A 93 -4.43 4.98 -12.44
C VAL A 93 -5.45 4.27 -13.32
N GLU A 94 -5.14 4.13 -14.61
CA GLU A 94 -6.02 3.47 -15.55
C GLU A 94 -5.67 1.98 -15.63
N LEU A 95 -6.71 1.14 -15.59
CA LEU A 95 -6.56 -0.30 -15.67
C LEU A 95 -7.52 -0.87 -16.70
N SER A 96 -7.04 -1.82 -17.48
CA SER A 96 -7.84 -2.52 -18.47
C SER A 96 -8.57 -3.73 -17.88
N ALA A 97 -8.46 -3.95 -16.58
CA ALA A 97 -9.11 -5.07 -15.92
C ALA A 97 -9.29 -4.72 -14.44
N SER A 98 -9.90 -5.64 -13.70
CA SER A 98 -10.35 -5.34 -12.34
C SER A 98 -9.22 -5.37 -11.32
N GLU A 99 -8.08 -5.97 -11.62
CA GLU A 99 -7.02 -6.13 -10.64
C GLU A 99 -5.74 -5.44 -11.08
N VAL A 100 -5.11 -4.73 -10.15
CA VAL A 100 -3.80 -4.13 -10.40
C VAL A 100 -2.77 -5.24 -10.63
N PRO A 101 -1.85 -5.10 -11.59
CA PRO A 101 -0.85 -6.15 -11.80
C PRO A 101 0.03 -6.34 -10.57
N ILE A 102 0.39 -7.61 -10.32
CA ILE A 102 1.18 -7.94 -9.14
C ILE A 102 2.68 -7.72 -9.37
N MET A 103 3.12 -7.73 -10.62
CA MET A 103 4.54 -7.54 -10.99
C MET A 103 5.36 -8.62 -10.30
N ASP A 104 6.32 -8.28 -9.44
CA ASP A 104 7.13 -9.27 -8.75
C ASP A 104 6.63 -9.56 -7.35
N GLY A 105 5.43 -9.08 -7.00
CA GLY A 105 4.89 -9.25 -5.67
C GLY A 105 5.22 -8.15 -4.69
N SER A 106 6.04 -7.18 -5.08
CA SER A 106 6.42 -6.07 -4.23
C SER A 106 6.04 -4.75 -4.90
N ALA A 107 6.45 -3.64 -4.28
CA ALA A 107 6.26 -2.32 -4.86
C ALA A 107 7.47 -1.84 -5.64
N GLY A 108 8.55 -2.62 -5.66
CA GLY A 108 9.78 -2.27 -6.34
C GLY A 108 9.59 -1.88 -7.79
N PRO A 109 9.00 -2.77 -8.60
CA PRO A 109 8.76 -2.42 -10.02
C PRO A 109 7.95 -1.14 -10.20
N PHE A 110 6.90 -0.93 -9.39
CA PHE A 110 6.16 0.32 -9.47
C PHE A 110 7.05 1.51 -9.14
N VAL A 111 7.87 1.39 -8.09
CA VAL A 111 8.73 2.49 -7.68
C VAL A 111 9.73 2.83 -8.78
N PHE A 112 10.32 1.81 -9.40
CA PHE A 112 11.31 2.07 -10.45
C PHE A 112 10.67 2.72 -11.67
N LEU A 113 9.51 2.22 -12.10
CA LEU A 113 8.82 2.79 -13.25
C LEU A 113 8.46 4.25 -12.99
N ILE A 114 8.01 4.56 -11.78
CA ILE A 114 7.64 5.94 -11.45
C ILE A 114 8.87 6.83 -11.43
N GLN A 115 9.92 6.39 -10.73
CA GLN A 115 11.12 7.21 -10.62
C GLN A 115 11.84 7.34 -11.96
N SER A 116 11.68 6.36 -12.86
CA SER A 116 12.21 6.51 -14.20
C SER A 116 11.46 7.60 -14.97
N ALA A 117 10.13 7.65 -14.81
CA ALA A 117 9.35 8.71 -15.42
C ALA A 117 9.63 10.07 -14.79
N GLY A 118 9.91 10.09 -13.49
CA GLY A 118 10.17 11.34 -12.79
C GLY A 118 8.91 11.90 -12.16
N LEU A 119 9.13 12.79 -11.19
CA LEU A 119 8.05 13.45 -10.47
C LEU A 119 8.02 14.94 -10.79
N GLN A 120 6.85 15.53 -10.63
CA GLN A 120 6.65 16.95 -10.89
C GLN A 120 6.02 17.59 -9.66
N GLU A 121 6.74 18.51 -9.03
CA GLU A 121 6.18 19.28 -7.94
C GLU A 121 5.19 20.30 -8.47
N GLN A 122 4.12 20.53 -7.71
CA GLN A 122 3.05 21.41 -8.13
C GLN A 122 2.93 22.59 -7.18
N GLU A 123 2.41 23.70 -7.70
CA GLU A 123 2.39 24.98 -6.99
C GLU A 123 1.22 25.00 -6.00
N ALA A 124 1.31 24.13 -5.00
CA ALA A 124 0.30 24.06 -3.95
C ALA A 124 0.88 23.30 -2.76
N ALA A 125 0.45 23.70 -1.56
CA ALA A 125 0.95 23.08 -0.35
C ALA A 125 0.51 21.62 -0.26
N LYS A 126 1.45 20.76 0.11
CA LYS A 126 1.11 19.37 0.39
C LYS A 126 0.39 19.28 1.73
N LYS A 127 -0.74 18.59 1.75
CA LYS A 127 -1.55 18.46 2.94
C LYS A 127 -1.24 17.14 3.64
N PHE A 128 -1.15 17.19 4.96
CA PHE A 128 -0.87 16.04 5.79
C PHE A 128 -1.99 15.84 6.80
N ILE A 129 -2.20 14.58 7.20
CA ILE A 129 -3.08 14.25 8.30
C ILE A 129 -2.19 14.01 9.52
N ARG A 130 -2.23 14.94 10.47
CA ARG A 130 -1.45 14.82 11.70
C ARG A 130 -2.30 14.18 12.78
N ILE A 131 -1.76 13.13 13.40
CA ILE A 131 -2.45 12.43 14.48
C ILE A 131 -2.32 13.27 15.75
N LYS A 132 -3.46 13.63 16.34
CA LYS A 132 -3.48 14.43 17.55
C LYS A 132 -3.76 13.61 18.80
N ARG A 133 -4.51 12.53 18.69
CA ARG A 133 -4.83 11.67 19.82
C ARG A 133 -4.60 10.22 19.42
N GLU A 134 -4.34 9.38 20.43
CA GLU A 134 -4.20 7.95 20.17
C GLU A 134 -5.54 7.36 19.74
N VAL A 135 -5.51 6.58 18.67
CA VAL A 135 -6.70 5.89 18.15
C VAL A 135 -6.33 4.44 17.92
N SER A 136 -7.04 3.53 18.57
CA SER A 136 -6.78 2.10 18.45
C SER A 136 -8.08 1.35 18.20
N VAL A 137 -8.01 0.33 17.36
CA VAL A 137 -9.12 -0.59 17.14
C VAL A 137 -8.59 -2.00 17.36
N GLU A 138 -9.44 -2.86 17.93
CA GLU A 138 -9.09 -4.25 18.15
C GLU A 138 -10.26 -5.13 17.73
N GLU A 139 -9.92 -6.38 17.38
CA GLU A 139 -10.92 -7.41 17.15
C GLU A 139 -10.25 -8.74 17.40
N GLY A 140 -10.66 -9.43 18.46
CA GLY A 140 -9.98 -10.65 18.85
C GLY A 140 -8.58 -10.32 19.34
N ASP A 141 -7.59 -11.06 18.86
CA ASP A 141 -6.20 -10.85 19.23
C ASP A 141 -5.47 -9.94 18.27
N LYS A 142 -6.20 -9.22 17.41
CA LYS A 142 -5.61 -8.31 16.44
C LYS A 142 -5.83 -6.87 16.87
N ARG A 143 -4.87 -5.99 16.54
CA ARG A 143 -4.96 -4.61 16.96
C ARG A 143 -4.18 -3.72 16.00
N ALA A 144 -4.73 -2.53 15.73
CA ALA A 144 -4.06 -1.47 14.98
C ALA A 144 -4.28 -0.15 15.71
N VAL A 145 -3.25 0.68 15.79
CA VAL A 145 -3.31 1.90 16.58
C VAL A 145 -2.56 3.02 15.86
N PHE A 146 -3.13 4.22 15.94
CA PHE A 146 -2.44 5.46 15.57
C PHE A 146 -1.96 6.16 16.83
N VAL A 147 -0.74 6.66 16.79
CA VAL A 147 -0.16 7.38 17.93
C VAL A 147 0.42 8.70 17.45
N PRO A 148 0.23 9.80 18.18
CA PRO A 148 0.88 11.06 17.80
C PRO A 148 2.39 10.92 17.77
N PHE A 149 2.99 11.48 16.72
CA PHE A 149 4.44 11.41 16.53
C PHE A 149 4.83 12.43 15.47
N ASP A 150 5.81 13.28 15.80
CA ASP A 150 6.29 14.31 14.89
C ASP A 150 7.19 13.65 13.84
N GLY A 151 6.56 13.05 12.85
CA GLY A 151 7.23 12.32 11.80
C GLY A 151 6.29 11.25 11.25
N PHE A 152 6.89 10.17 10.76
CA PHE A 152 6.11 9.03 10.29
C PHE A 152 6.92 7.76 10.48
N LYS A 153 6.43 6.87 11.32
CA LYS A 153 7.06 5.57 11.54
C LYS A 153 5.99 4.49 11.64
N VAL A 154 6.35 3.28 11.24
CA VAL A 154 5.44 2.15 11.18
C VAL A 154 6.10 0.95 11.85
N SER A 155 5.38 0.30 12.76
CA SER A 155 5.83 -0.93 13.38
C SER A 155 4.76 -2.00 13.21
N PHE A 156 5.22 -3.24 13.08
CA PHE A 156 4.30 -4.36 12.87
C PHE A 156 4.86 -5.60 13.54
N GLU A 157 3.95 -6.44 14.03
CA GLU A 157 4.32 -7.71 14.65
C GLU A 157 3.32 -8.77 14.24
N ILE A 158 3.79 -9.84 13.60
CA ILE A 158 2.97 -10.99 13.27
C ILE A 158 3.34 -12.14 14.19
N ASP A 159 2.41 -13.08 14.33
CA ASP A 159 2.58 -14.21 15.26
C ASP A 159 2.15 -15.49 14.55
N PHE A 160 3.01 -16.00 13.68
CA PHE A 160 2.80 -17.28 13.03
C PHE A 160 3.51 -18.37 13.81
N ASP A 161 2.85 -19.51 13.95
CA ASP A 161 3.46 -20.70 14.54
C ASP A 161 4.01 -21.61 13.45
N HIS A 162 4.79 -21.03 12.54
CA HIS A 162 5.29 -21.71 11.37
C HIS A 162 6.82 -21.83 11.42
N PRO A 163 7.38 -22.97 11.01
CA PRO A 163 8.84 -23.16 11.11
C PRO A 163 9.65 -22.13 10.35
N VAL A 164 9.10 -21.55 9.27
CA VAL A 164 9.83 -20.57 8.48
C VAL A 164 10.19 -19.35 9.31
N PHE A 165 9.50 -19.13 10.44
CA PHE A 165 9.81 -18.06 11.36
C PHE A 165 10.58 -18.54 12.59
N ARG A 166 10.89 -19.83 12.65
CA ARG A 166 11.68 -20.35 13.77
C ARG A 166 13.04 -19.69 13.79
N GLY A 167 13.45 -19.25 14.98
CA GLY A 167 14.76 -18.63 15.14
C GLY A 167 14.73 -17.24 15.75
N ARG A 168 13.89 -16.35 15.22
CA ARG A 168 13.87 -14.96 15.63
C ARG A 168 12.43 -14.49 15.77
N THR A 169 12.27 -13.22 16.13
CA THR A 169 10.95 -12.63 16.27
C THR A 169 10.43 -12.17 14.92
N GLN A 170 9.11 -11.96 14.86
CA GLN A 170 8.46 -11.56 13.62
C GLN A 170 7.97 -10.11 13.75
N GLN A 171 8.88 -9.22 14.13
CA GLN A 171 8.56 -7.83 14.38
C GLN A 171 9.58 -6.93 13.68
N ALA A 172 9.10 -5.77 13.24
CA ALA A 172 9.98 -4.78 12.62
C ALA A 172 9.40 -3.40 12.85
N SER A 173 10.30 -2.43 13.02
CA SER A 173 9.93 -1.02 13.13
C SER A 173 10.69 -0.24 12.07
N VAL A 174 9.98 0.64 11.38
CA VAL A 174 10.57 1.48 10.34
C VAL A 174 10.23 2.92 10.65
N ASP A 175 11.26 3.77 10.76
CA ASP A 175 11.10 5.20 10.95
C ASP A 175 11.77 5.89 9.77
N PHE A 176 10.98 6.56 8.94
CA PHE A 176 11.48 7.13 7.69
C PHE A 176 12.30 8.40 7.89
N SER A 177 12.61 8.76 9.14
CA SER A 177 13.68 9.72 9.37
C SER A 177 15.04 9.12 9.08
N SER A 178 15.14 7.78 9.04
CA SER A 178 16.37 7.09 8.68
C SER A 178 16.16 5.94 7.72
N THR A 179 15.04 5.22 7.77
CA THR A 179 14.80 4.10 6.86
C THR A 179 14.48 4.62 5.47
N SER A 180 15.09 4.02 4.46
CA SER A 180 14.75 4.28 3.07
C SER A 180 13.61 3.37 2.66
N PHE A 181 12.46 3.97 2.31
CA PHE A 181 11.36 3.18 1.78
C PHE A 181 11.77 2.40 0.54
N VAL A 182 12.56 3.03 -0.33
CA VAL A 182 12.94 2.39 -1.59
C VAL A 182 13.84 1.19 -1.34
N LYS A 183 14.87 1.36 -0.52
CA LYS A 183 15.88 0.32 -0.35
C LYS A 183 15.45 -0.76 0.64
N GLU A 184 14.67 -0.41 1.66
CA GLU A 184 14.44 -1.32 2.78
C GLU A 184 13.01 -1.81 2.91
N VAL A 185 12.06 -1.28 2.13
CA VAL A 185 10.67 -1.68 2.28
C VAL A 185 10.07 -2.09 0.93
N SER A 186 10.35 -1.30 -0.11
CA SER A 186 9.60 -1.41 -1.35
C SER A 186 9.77 -2.78 -2.02
N ARG A 187 10.89 -3.45 -1.78
CA ARG A 187 11.19 -4.70 -2.48
C ARG A 187 10.67 -5.94 -1.76
N ALA A 188 10.05 -5.79 -0.60
CA ALA A 188 9.52 -6.94 0.13
C ALA A 188 8.28 -7.48 -0.58
N ARG A 189 8.33 -8.76 -0.95
CA ARG A 189 7.27 -9.38 -1.75
C ARG A 189 6.18 -9.96 -0.84
N THR A 190 4.98 -10.09 -1.42
CA THR A 190 3.91 -10.81 -0.76
C THR A 190 4.28 -12.29 -0.65
N PHE A 191 3.60 -12.99 0.27
CA PHE A 191 3.90 -14.39 0.52
C PHE A 191 2.63 -15.18 0.72
N GLY A 192 2.66 -16.44 0.29
CA GLY A 192 1.56 -17.35 0.48
C GLY A 192 2.07 -18.73 0.86
N PHE A 193 1.21 -19.48 1.55
CA PHE A 193 1.55 -20.80 2.04
C PHE A 193 0.93 -21.86 1.15
N MET A 194 1.71 -22.89 0.82
CA MET A 194 1.28 -23.90 -0.15
C MET A 194 -0.01 -24.58 0.28
N ARG A 195 -0.23 -24.74 1.59
CA ARG A 195 -1.46 -25.38 2.05
C ARG A 195 -2.69 -24.56 1.71
N ASP A 196 -2.56 -23.23 1.67
CA ASP A 196 -3.71 -22.37 1.40
C ASP A 196 -3.98 -22.21 -0.09
N ILE A 197 -2.94 -22.30 -0.93
CA ILE A 197 -3.05 -21.92 -2.33
C ILE A 197 -3.98 -22.86 -3.09
N GLU A 198 -3.87 -24.17 -2.82
CA GLU A 198 -4.77 -25.12 -3.47
C GLU A 198 -6.23 -24.84 -3.09
N TYR A 199 -6.49 -24.45 -1.84
CA TYR A 199 -7.84 -24.05 -1.47
C TYR A 199 -8.21 -22.73 -2.10
N LEU A 200 -7.29 -21.76 -2.08
CA LEU A 200 -7.57 -20.45 -2.67
C LEU A 200 -7.90 -20.58 -4.15
N ARG A 201 -7.17 -21.43 -4.87
CA ARG A 201 -7.44 -21.64 -6.29
C ARG A 201 -8.78 -22.33 -6.50
N SER A 202 -9.19 -23.19 -5.56
CA SER A 202 -10.51 -23.80 -5.63
C SER A 202 -11.62 -22.77 -5.56
N GLN A 203 -11.33 -21.58 -5.03
CA GLN A 203 -12.31 -20.49 -4.95
C GLN A 203 -11.99 -19.36 -5.92
N ASN A 204 -11.33 -19.68 -7.04
CA ASN A 204 -10.96 -18.70 -8.07
C ASN A 204 -10.13 -17.56 -7.49
N LEU A 205 -9.25 -17.89 -6.54
CA LEU A 205 -8.35 -16.93 -5.93
C LEU A 205 -6.91 -17.35 -6.17
N ALA A 206 -6.01 -16.37 -6.09
CA ALA A 206 -4.57 -16.59 -6.28
C ALA A 206 -4.27 -17.28 -7.60
N LEU A 207 -5.08 -17.02 -8.62
CA LEU A 207 -4.93 -17.72 -9.90
C LEU A 207 -3.66 -17.31 -10.63
N GLY A 208 -3.18 -16.08 -10.42
CA GLY A 208 -1.96 -15.62 -11.05
C GLY A 208 -0.71 -15.80 -10.22
N GLY A 209 -0.83 -16.42 -9.04
CA GLY A 209 0.32 -16.51 -8.15
C GLY A 209 1.31 -17.56 -8.61
N SER A 210 2.60 -17.26 -8.38
CA SER A 210 3.69 -18.18 -8.69
C SER A 210 4.93 -17.66 -7.98
N VAL A 211 6.00 -18.45 -8.06
CA VAL A 211 7.29 -18.02 -7.51
C VAL A 211 7.83 -16.80 -8.23
N GLU A 212 7.27 -16.46 -9.39
CA GLU A 212 7.68 -15.26 -10.11
C GLU A 212 7.17 -13.99 -9.44
N ASN A 213 6.10 -14.07 -8.64
CA ASN A 213 5.51 -12.87 -8.06
C ASN A 213 5.12 -13.04 -6.60
N ALA A 214 5.67 -14.03 -5.90
CA ALA A 214 5.31 -14.24 -4.50
C ALA A 214 6.30 -15.19 -3.87
N ILE A 215 6.52 -15.02 -2.57
CA ILE A 215 7.26 -15.99 -1.77
C ILE A 215 6.31 -17.14 -1.46
N VAL A 216 6.67 -18.34 -1.90
CA VAL A 216 5.86 -19.54 -1.69
C VAL A 216 6.54 -20.38 -0.61
N VAL A 217 5.78 -20.74 0.42
CA VAL A 217 6.30 -21.47 1.56
C VAL A 217 5.49 -22.75 1.74
N ASP A 218 6.17 -23.87 1.91
CA ASP A 218 5.51 -25.11 2.28
C ASP A 218 5.43 -25.19 3.81
N GLU A 219 5.30 -26.39 4.36
CA GLU A 219 5.23 -26.51 5.82
C GLU A 219 6.56 -26.24 6.50
N ASN A 220 7.64 -26.01 5.76
CA ASN A 220 8.95 -25.86 6.36
C ASN A 220 9.84 -24.80 5.71
N ARG A 221 9.77 -24.59 4.40
CA ARG A 221 10.80 -23.83 3.69
C ARG A 221 10.17 -22.85 2.72
N VAL A 222 10.90 -21.77 2.45
CA VAL A 222 10.64 -20.96 1.27
C VAL A 222 11.03 -21.75 0.04
N LEU A 223 10.10 -21.86 -0.92
CA LEU A 223 10.34 -22.68 -2.10
C LEU A 223 11.06 -21.93 -3.22
N ASN A 224 11.04 -20.60 -3.20
CA ASN A 224 11.76 -19.82 -4.20
C ASN A 224 13.24 -20.16 -4.15
N GLU A 225 13.78 -20.66 -5.27
CA GLU A 225 15.15 -21.18 -5.28
C GLU A 225 16.19 -20.09 -5.04
N ASP A 226 15.85 -18.82 -5.29
CA ASP A 226 16.78 -17.73 -5.05
C ASP A 226 16.61 -17.09 -3.68
N GLY A 227 15.68 -17.58 -2.86
CA GLY A 227 15.60 -17.14 -1.48
C GLY A 227 14.91 -15.81 -1.30
N LEU A 228 15.23 -15.17 -0.18
CA LEU A 228 14.59 -13.94 0.25
C LEU A 228 15.46 -12.72 -0.07
N ARG A 229 14.81 -11.57 -0.22
CA ARG A 229 15.51 -10.30 -0.39
C ARG A 229 15.87 -9.64 0.93
N TYR A 230 15.05 -9.85 1.96
CA TYR A 230 15.36 -9.42 3.32
C TYR A 230 15.23 -10.62 4.23
N GLU A 231 16.04 -10.64 5.29
CA GLU A 231 15.92 -11.69 6.30
C GLU A 231 14.53 -11.66 6.93
N ASP A 232 13.95 -10.48 7.08
CA ASP A 232 12.61 -10.29 7.63
C ASP A 232 11.63 -9.83 6.56
N GLU A 233 11.71 -10.43 5.37
CA GLU A 233 10.89 -9.98 4.24
C GLU A 233 9.40 -10.10 4.53
N PHE A 234 8.99 -11.10 5.32
CA PHE A 234 7.58 -11.31 5.58
C PHE A 234 6.97 -10.12 6.31
N VAL A 235 7.58 -9.72 7.43
CA VAL A 235 7.04 -8.58 8.17
C VAL A 235 7.27 -7.28 7.42
N LYS A 236 8.30 -7.22 6.57
CA LYS A 236 8.52 -6.02 5.77
C LYS A 236 7.40 -5.82 4.75
N HIS A 237 6.81 -6.91 4.25
CA HIS A 237 5.66 -6.76 3.36
C HIS A 237 4.41 -6.36 4.12
N LYS A 238 4.28 -6.83 5.37
CA LYS A 238 3.17 -6.36 6.21
C LYS A 238 3.26 -4.86 6.42
N ILE A 239 4.48 -4.34 6.58
CA ILE A 239 4.67 -2.90 6.69
C ILE A 239 4.39 -2.22 5.35
N LEU A 240 4.80 -2.86 4.26
CA LEU A 240 4.47 -2.35 2.93
C LEU A 240 2.97 -2.25 2.73
N ASP A 241 2.24 -3.30 3.10
CA ASP A 241 0.78 -3.28 2.97
C ASP A 241 0.17 -2.17 3.81
N ALA A 242 0.65 -2.00 5.05
CA ALA A 242 0.08 -0.98 5.94
C ALA A 242 0.27 0.42 5.39
N ILE A 243 1.43 0.68 4.79
CA ILE A 243 1.69 2.00 4.21
C ILE A 243 0.73 2.28 3.06
N GLY A 244 0.44 1.25 2.26
CA GLY A 244 -0.51 1.42 1.17
C GLY A 244 -1.93 1.58 1.66
N ASP A 245 -2.35 0.75 2.62
CA ASP A 245 -3.68 0.88 3.19
C ASP A 245 -3.86 2.23 3.88
N LEU A 246 -2.82 2.71 4.56
CA LEU A 246 -2.91 3.99 5.26
C LEU A 246 -3.07 5.15 4.28
N TYR A 247 -2.56 5.02 3.05
CA TYR A 247 -2.68 6.09 2.08
C TYR A 247 -4.10 6.26 1.57
N LEU A 248 -5.01 5.34 1.90
CA LEU A 248 -6.41 5.52 1.59
C LEU A 248 -7.03 6.68 2.37
N LEU A 249 -6.32 7.22 3.37
CA LEU A 249 -6.76 8.45 4.02
C LEU A 249 -6.81 9.62 3.05
N GLY A 250 -6.05 9.57 1.96
CA GLY A 250 -6.02 10.63 0.98
C GLY A 250 -4.86 11.59 1.11
N ASN A 251 -4.11 11.53 2.21
CA ASN A 251 -2.97 12.39 2.43
C ASN A 251 -1.94 11.65 3.26
N SER A 252 -0.69 12.10 3.17
CA SER A 252 0.38 11.49 3.94
C SER A 252 0.15 11.74 5.43
N LEU A 253 0.63 10.81 6.25
CA LEU A 253 0.39 10.84 7.69
C LEU A 253 1.55 11.48 8.43
N ILE A 254 1.22 12.27 9.46
CA ILE A 254 2.20 12.69 10.44
C ILE A 254 1.84 12.01 11.76
N GLY A 255 2.46 10.86 12.00
CA GLY A 255 2.14 10.09 13.19
C GLY A 255 2.78 8.72 13.11
N GLU A 256 2.37 7.85 14.03
CA GLU A 256 2.92 6.52 14.15
C GLU A 256 1.81 5.49 14.03
N PHE A 257 2.07 4.44 13.26
CA PHE A 257 1.19 3.29 13.15
C PHE A 257 1.86 2.09 13.81
N ARG A 258 1.09 1.32 14.56
CA ARG A 258 1.54 0.07 15.15
C ARG A 258 0.54 -1.02 14.82
N GLY A 259 1.01 -2.12 14.23
CA GLY A 259 0.14 -3.21 13.88
C GLY A 259 0.48 -4.49 14.62
N PHE A 260 -0.53 -5.17 15.14
CA PHE A 260 -0.35 -6.42 15.88
C PHE A 260 -1.26 -7.47 15.26
N LYS A 261 -0.71 -8.25 14.33
CA LYS A 261 -1.45 -9.25 13.55
C LYS A 261 -2.59 -8.63 12.76
N SER A 262 -2.49 -7.34 12.45
N SER A 262 -2.49 -7.34 12.45
CA SER A 262 -3.56 -6.66 11.74
CA SER A 262 -3.53 -6.64 11.72
C SER A 262 -3.50 -6.99 10.24
C SER A 262 -3.49 -7.00 10.24
N GLY A 263 -4.64 -6.81 9.58
CA GLY A 263 -4.74 -7.06 8.16
C GLY A 263 -5.43 -5.92 7.45
N HIS A 264 -5.76 -6.12 6.17
CA HIS A 264 -6.43 -5.05 5.41
C HIS A 264 -7.74 -4.66 6.05
N ALA A 265 -8.47 -5.63 6.62
CA ALA A 265 -9.77 -5.33 7.21
C ALA A 265 -9.62 -4.41 8.42
N LEU A 266 -8.77 -4.80 9.37
CA LEU A 266 -8.59 -3.98 10.58
C LEU A 266 -7.91 -2.66 10.25
N ASN A 267 -7.04 -2.64 9.23
CA ASN A 267 -6.43 -1.39 8.81
C ASN A 267 -7.49 -0.39 8.38
N ASN A 268 -8.45 -0.83 7.56
CA ASN A 268 -9.52 0.06 7.11
C ASN A 268 -10.42 0.46 8.27
N GLN A 269 -10.67 -0.45 9.20
CA GLN A 269 -11.46 -0.10 10.39
C GLN A 269 -10.76 0.99 11.20
N LEU A 270 -9.44 0.95 11.27
CA LEU A 270 -8.70 2.01 11.96
C LEU A 270 -8.85 3.34 11.26
N LEU A 271 -8.78 3.34 9.92
CA LEU A 271 -8.95 4.57 9.16
C LEU A 271 -10.35 5.15 9.37
N ARG A 272 -11.38 4.29 9.32
CA ARG A 272 -12.75 4.76 9.48
C ARG A 272 -12.96 5.34 10.87
N THR A 273 -12.38 4.72 11.90
CA THR A 273 -12.50 5.25 13.25
C THR A 273 -11.74 6.56 13.40
N LEU A 274 -10.56 6.66 12.79
CA LEU A 274 -9.80 7.90 12.84
C LEU A 274 -10.56 9.03 12.17
N ILE A 275 -11.04 8.81 10.94
CA ILE A 275 -11.74 9.85 10.20
C ILE A 275 -12.96 10.32 10.98
N ALA A 276 -13.68 9.39 11.61
CA ALA A 276 -14.89 9.76 12.34
C ALA A 276 -14.58 10.56 13.60
N ASP A 277 -13.45 10.27 14.26
CA ASP A 277 -13.05 10.98 15.47
C ASP A 277 -12.19 12.17 15.05
N LYS A 278 -12.86 13.26 14.68
CA LYS A 278 -12.15 14.44 14.19
C LYS A 278 -11.40 15.17 15.29
N ASP A 279 -11.64 14.83 16.57
CA ASP A 279 -10.81 15.33 17.65
C ASP A 279 -9.39 14.77 17.60
N ALA A 280 -9.17 13.69 16.86
CA ALA A 280 -7.91 12.97 16.90
C ALA A 280 -6.99 13.29 15.73
N TRP A 281 -7.40 14.14 14.80
CA TRP A 281 -6.55 14.48 13.67
C TRP A 281 -6.88 15.87 13.16
N GLU A 282 -5.97 16.39 12.34
CA GLU A 282 -6.15 17.69 11.70
C GLU A 282 -5.31 17.70 10.42
N VAL A 283 -5.69 18.57 9.50
CA VAL A 283 -4.96 18.75 8.25
C VAL A 283 -3.95 19.87 8.45
N VAL A 284 -2.68 19.60 8.12
CA VAL A 284 -1.61 20.58 8.28
C VAL A 284 -0.83 20.68 6.97
N THR A 285 -0.26 21.86 6.75
CA THR A 285 0.70 22.10 5.68
C THR A 285 1.97 22.67 6.29
N PHE A 286 3.02 22.74 5.49
CA PHE A 286 4.31 23.28 5.92
C PHE A 286 4.79 24.28 4.89
N GLU A 287 4.60 25.57 5.20
CA GLU A 287 5.03 26.63 4.29
C GLU A 287 6.54 26.76 4.23
N ASP A 288 7.26 26.20 5.19
CA ASP A 288 8.72 26.18 5.19
C ASP A 288 9.17 24.75 5.40
N ALA A 289 9.72 24.13 4.35
CA ALA A 289 10.14 22.74 4.43
C ALA A 289 11.29 22.56 5.42
N ARG A 290 12.06 23.62 5.67
CA ARG A 290 13.23 23.50 6.55
C ARG A 290 12.84 23.26 8.01
N THR A 291 11.59 23.50 8.38
CA THR A 291 11.12 23.29 9.75
C THR A 291 10.12 22.13 9.86
N ALA A 292 9.94 21.37 8.79
CA ALA A 292 8.99 20.26 8.79
C ALA A 292 9.58 19.05 9.50
N PRO A 293 8.73 18.20 10.10
CA PRO A 293 9.24 16.99 10.75
C PRO A 293 9.55 15.87 9.77
N ILE A 294 9.16 16.00 8.49
CA ILE A 294 9.45 15.01 7.47
C ILE A 294 10.05 15.71 6.25
N SER A 295 10.68 14.92 5.40
CA SER A 295 11.27 15.44 4.17
C SER A 295 11.22 14.36 3.11
N TYR A 296 11.17 14.80 1.85
CA TYR A 296 11.10 13.91 0.71
C TYR A 296 12.34 14.10 -0.16
N MET A 297 12.74 13.02 -0.83
CA MET A 297 13.87 13.14 -1.74
C MET A 297 13.49 13.98 -2.96
N ARG A 298 14.52 14.46 -3.65
CA ARG A 298 14.33 15.35 -4.79
C ARG A 298 13.41 14.71 -5.82
N PRO A 299 12.57 15.48 -6.52
CA PRO A 299 11.60 14.92 -7.46
C PRO A 299 12.25 14.41 -8.74
#